data_9HRT
#
_entry.id   9HRT
#
_cell.length_a   50.859
_cell.length_b   52.030
_cell.length_c   111.318
_cell.angle_alpha   90.00
_cell.angle_beta   90.00
_cell.angle_gamma   90.00
#
_symmetry.space_group_name_H-M   'P 21 2 21'
#
loop_
_entity.id
_entity.type
_entity.pdbx_description
1 polymer 'Programmed cell death 1 ligand 1'
2 non-polymer '(2~{R})-2-[[3-[(~{E})-2-[3-(2,3-dihydro-1,4-benzodioxin-6-yl)-2-methyl-phenyl]ethenyl]-4-(trifluoromethyl)phenyl]methylamino]-2-methyl-3-oxidanyl-propanoic acid'
3 water water
#
_entity_poly.entity_id   1
_entity_poly.type   'polypeptide(L)'
_entity_poly.pdbx_seq_one_letter_code
;MGSAFTVTVPKDLYVVEYGSNMTIECKFPVEKQLDLAALIVYWEMEDKNIIQFVHGEEDLKVQHSSYRQRARLLKDQLSL
GNAALQITDVKLQDAGVYRCMISYGGADYKRITVKVNAPYAAALEHHHHHH
;
_entity_poly.pdbx_strand_id   A,B
#
loop_
_chem_comp.id
_chem_comp.type
_chem_comp.name
_chem_comp.formula
A1IXH non-polymer '(2~{R})-2-[[3-[(~{E})-2-[3-(2,3-dihydro-1,4-benzodioxin-6-yl)-2-methyl-phenyl]ethenyl]-4-(trifluoromethyl)phenyl]methylamino]-2-methyl-3-oxidanyl-propanoic acid' 'C29 H28 F3 N O5'
#
# COMPACT_ATOMS: atom_id res chain seq x y z
N ALA A 4 1.32 -7.76 -18.59
CA ALA A 4 1.40 -7.77 -17.13
C ALA A 4 0.47 -6.72 -16.53
N PHE A 5 -0.17 -7.03 -15.40
CA PHE A 5 -1.19 -6.18 -14.83
C PHE A 5 -0.70 -4.84 -14.32
N THR A 6 -1.44 -3.77 -14.61
CA THR A 6 -1.03 -2.42 -14.28
C THR A 6 -2.19 -1.47 -14.02
N VAL A 7 -2.08 -0.78 -12.90
CA VAL A 7 -2.96 0.32 -12.55
C VAL A 7 -2.33 1.61 -13.05
N THR A 8 -3.13 2.54 -13.60
CA THR A 8 -2.63 3.83 -14.03
C THR A 8 -3.55 4.90 -13.50
N VAL A 9 -2.98 6.10 -13.39
CA VAL A 9 -3.76 7.26 -13.02
C VAL A 9 -3.72 8.27 -14.16
N PRO A 10 -4.88 8.79 -14.59
CA PRO A 10 -4.87 9.96 -15.46
C PRO A 10 -4.27 11.18 -14.77
N LYS A 11 -4.58 11.36 -13.49
CA LYS A 11 -4.04 12.47 -12.74
C LYS A 11 -3.53 11.96 -11.41
N ASP A 12 -2.38 12.52 -11.03
CA ASP A 12 -1.64 12.13 -9.83
C ASP A 12 -1.64 13.25 -8.79
N LEU A 13 -2.27 14.37 -9.19
CA LEU A 13 -2.47 15.51 -8.29
C LEU A 13 -3.84 16.12 -8.54
N TYR A 14 -4.61 16.33 -7.48
CA TYR A 14 -5.86 17.08 -7.53
C TYR A 14 -5.77 18.24 -6.54
N VAL A 15 -6.23 19.42 -6.99
CA VAL A 15 -6.35 20.63 -6.20
C VAL A 15 -7.84 20.94 -6.15
N VAL A 16 -8.41 20.86 -4.94
CA VAL A 16 -9.83 20.99 -4.69
C VAL A 16 -10.11 22.08 -3.66
N GLU A 17 -11.38 22.53 -3.65
CA GLU A 17 -11.82 23.58 -2.74
C GLU A 17 -12.53 22.97 -1.56
N TYR A 18 -12.12 23.44 -0.38
CA TYR A 18 -12.84 23.15 0.85
C TYR A 18 -14.33 23.29 0.57
N GLY A 19 -15.09 22.26 0.94
CA GLY A 19 -16.54 22.32 0.89
C GLY A 19 -17.13 21.66 -0.35
N SER A 20 -16.30 21.38 -1.36
CA SER A 20 -16.80 20.83 -2.61
C SER A 20 -16.73 19.31 -2.64
N ASN A 21 -16.91 18.74 -3.83
CA ASN A 21 -16.97 17.29 -3.95
C ASN A 21 -15.84 16.89 -4.86
N MET A 22 -15.23 15.73 -4.61
CA MET A 22 -14.13 15.26 -5.44
C MET A 22 -14.31 13.81 -5.87
N THR A 23 -13.84 13.54 -7.10
CA THR A 23 -13.72 12.19 -7.64
C THR A 23 -12.28 12.01 -8.11
N ILE A 24 -11.54 11.07 -7.50
CA ILE A 24 -10.22 10.71 -7.99
C ILE A 24 -10.31 9.29 -8.54
N GLU A 25 -9.47 9.01 -9.55
CA GLU A 25 -9.59 7.78 -10.32
C GLU A 25 -8.32 6.98 -10.51
N CYS A 26 -8.54 5.65 -10.61
CA CYS A 26 -7.58 4.60 -10.90
C CYS A 26 -8.15 3.72 -12.01
N LYS A 27 -7.37 3.52 -13.06
CA LYS A 27 -7.83 2.72 -14.17
C LYS A 27 -7.13 1.38 -14.07
N PHE A 28 -7.79 0.36 -14.55
CA PHE A 28 -7.19 -0.95 -14.57
C PHE A 28 -7.82 -1.63 -15.77
N PRO A 29 -7.11 -2.60 -16.37
CA PRO A 29 -7.60 -3.26 -17.57
C PRO A 29 -8.66 -4.35 -17.36
N VAL A 30 -9.73 -4.22 -18.13
CA VAL A 30 -10.80 -5.20 -18.21
C VAL A 30 -11.09 -5.42 -19.69
N GLU A 31 -11.00 -6.68 -20.14
CA GLU A 31 -10.98 -6.95 -21.57
C GLU A 31 -12.41 -7.13 -22.08
N LYS A 32 -13.05 -5.97 -22.27
CA LYS A 32 -14.44 -5.86 -22.67
C LYS A 32 -15.38 -6.02 -21.48
N GLN A 33 -15.01 -6.89 -20.53
CA GLN A 33 -15.94 -7.38 -19.53
C GLN A 33 -15.38 -7.86 -18.19
N LEU A 34 -16.06 -7.38 -17.15
CA LEU A 34 -15.60 -7.49 -15.79
C LEU A 34 -15.98 -8.84 -15.19
N ASP A 35 -15.01 -9.51 -14.57
CA ASP A 35 -15.27 -10.59 -13.62
C ASP A 35 -15.29 -10.10 -12.17
N LEU A 36 -16.50 -9.77 -11.70
CA LEU A 36 -16.67 -9.04 -10.47
C LEU A 36 -16.27 -9.85 -9.23
N ALA A 37 -16.36 -11.18 -9.36
CA ALA A 37 -16.08 -12.08 -8.25
C ALA A 37 -14.61 -12.00 -7.80
N ALA A 38 -13.75 -11.85 -8.82
CA ALA A 38 -12.31 -11.75 -8.68
C ALA A 38 -11.75 -10.38 -8.34
N LEU A 39 -12.60 -9.34 -8.37
CA LEU A 39 -12.13 -7.97 -8.18
C LEU A 39 -12.04 -7.56 -6.71
N ILE A 40 -10.90 -6.93 -6.35
CA ILE A 40 -10.78 -6.21 -5.10
C ILE A 40 -10.26 -4.80 -5.32
N VAL A 41 -10.99 -3.86 -4.71
CA VAL A 41 -10.62 -2.45 -4.77
C VAL A 41 -10.51 -2.00 -3.32
N TYR A 42 -9.38 -1.38 -2.96
CA TYR A 42 -9.20 -0.85 -1.62
C TYR A 42 -8.62 0.53 -1.78
N TRP A 43 -9.21 1.49 -1.08
CA TRP A 43 -8.65 2.84 -1.06
C TRP A 43 -8.37 3.26 0.37
N GLU A 44 -7.23 3.95 0.54
CA GLU A 44 -6.83 4.48 1.82
C GLU A 44 -6.00 5.76 1.70
N MET A 45 -5.84 6.45 2.82
CA MET A 45 -5.13 7.71 2.90
C MET A 45 -4.51 7.61 4.30
N GLU A 46 -3.18 7.67 4.38
CA GLU A 46 -2.48 7.67 5.65
C GLU A 46 -3.01 6.58 6.58
N ASP A 47 -3.22 5.42 5.99
CA ASP A 47 -3.64 4.21 6.68
C ASP A 47 -5.01 4.30 7.33
N LYS A 48 -5.83 5.22 6.86
CA LYS A 48 -7.24 5.12 7.14
C LYS A 48 -7.89 4.40 5.97
N ASN A 49 -8.68 3.35 6.23
CA ASN A 49 -9.52 2.73 5.22
C ASN A 49 -10.64 3.66 4.78
N ILE A 50 -10.89 3.71 3.47
CA ILE A 50 -11.96 4.57 2.94
C ILE A 50 -13.05 3.74 2.26
N ILE A 51 -12.65 2.79 1.42
CA ILE A 51 -13.60 1.76 1.00
C ILE A 51 -12.80 0.52 0.66
N GLN A 52 -13.50 -0.62 0.80
CA GLN A 52 -13.04 -1.95 0.45
C GLN A 52 -14.21 -2.55 -0.34
N PHE A 53 -13.95 -2.83 -1.61
CA PHE A 53 -14.96 -3.42 -2.48
C PHE A 53 -14.47 -4.82 -2.81
N VAL A 54 -15.17 -5.81 -2.27
CA VAL A 54 -14.74 -7.19 -2.39
C VAL A 54 -15.99 -7.99 -2.74
N HIS A 55 -15.83 -9.09 -3.50
CA HIS A 55 -16.97 -9.91 -3.89
C HIS A 55 -18.09 -9.02 -4.40
N GLY A 56 -17.72 -8.09 -5.28
CA GLY A 56 -18.69 -7.14 -5.83
C GLY A 56 -19.62 -6.35 -4.91
N GLU A 57 -19.18 -6.01 -3.69
CA GLU A 57 -19.97 -5.16 -2.81
C GLU A 57 -19.06 -4.42 -1.83
N GLU A 58 -19.39 -3.15 -1.56
CA GLU A 58 -18.77 -2.41 -0.47
C GLU A 58 -18.96 -3.08 0.89
N ASP A 59 -17.88 -3.19 1.67
CA ASP A 59 -17.90 -3.53 3.08
C ASP A 59 -17.73 -2.26 3.92
N LEU A 60 -18.81 -1.84 4.58
CA LEU A 60 -18.80 -0.62 5.38
C LEU A 60 -18.10 -0.75 6.74
N LYS A 61 -17.91 -1.99 7.21
CA LYS A 61 -17.54 -2.20 8.60
C LYS A 61 -16.20 -1.54 8.88
N VAL A 62 -15.29 -1.60 7.90
CA VAL A 62 -13.91 -1.32 8.20
C VAL A 62 -13.50 0.07 7.71
N GLN A 63 -14.48 0.83 7.21
CA GLN A 63 -14.32 2.24 6.85
C GLN A 63 -14.00 3.16 8.03
N HIS A 64 -13.13 4.13 7.82
CA HIS A 64 -12.77 5.07 8.87
C HIS A 64 -13.90 6.04 9.20
N SER A 65 -13.97 6.44 10.48
CA SER A 65 -14.80 7.56 10.85
C SER A 65 -14.91 8.75 9.92
N SER A 66 -13.84 9.52 9.74
CA SER A 66 -13.86 10.65 8.79
C SER A 66 -14.77 10.46 7.57
N TYR A 67 -14.86 9.22 7.09
CA TYR A 67 -15.29 8.97 5.73
C TYR A 67 -16.72 8.47 5.65
N ARG A 68 -17.32 8.19 6.81
CA ARG A 68 -18.58 7.46 6.80
C ARG A 68 -19.66 8.28 6.11
N GLN A 69 -20.26 7.70 5.06
CA GLN A 69 -21.27 8.37 4.26
C GLN A 69 -20.82 9.70 3.67
N ARG A 70 -19.51 9.87 3.48
CA ARG A 70 -18.94 10.95 2.70
C ARG A 70 -18.21 10.40 1.48
N ALA A 71 -17.90 9.10 1.53
CA ALA A 71 -17.01 8.46 0.57
C ALA A 71 -17.73 7.27 -0.04
N ARG A 72 -17.79 7.19 -1.37
CA ARG A 72 -18.30 6.00 -2.02
C ARG A 72 -17.58 5.75 -3.34
N LEU A 73 -17.69 4.52 -3.80
CA LEU A 73 -17.01 4.06 -5.00
C LEU A 73 -18.09 4.10 -6.06
N LEU A 74 -17.74 4.62 -7.24
CA LEU A 74 -18.71 4.81 -8.31
C LEU A 74 -18.73 3.52 -9.12
N LYS A 75 -19.76 2.71 -8.84
CA LYS A 75 -19.82 1.29 -9.18
C LYS A 75 -20.10 1.13 -10.67
N ASP A 76 -20.87 2.08 -11.18
CA ASP A 76 -21.13 2.26 -12.60
C ASP A 76 -19.89 2.28 -13.49
N GLN A 77 -18.80 2.86 -12.99
CA GLN A 77 -17.56 2.94 -13.74
C GLN A 77 -16.77 1.64 -13.84
N LEU A 78 -16.99 0.71 -12.90
CA LEU A 78 -16.12 -0.45 -12.78
C LEU A 78 -16.02 -1.24 -14.07
N SER A 79 -17.11 -1.37 -14.81
CA SER A 79 -17.05 -2.20 -16.02
C SER A 79 -16.20 -1.53 -17.10
N LEU A 80 -16.00 -0.23 -16.99
CA LEU A 80 -15.10 0.48 -17.88
C LEU A 80 -13.65 0.37 -17.42
N GLY A 81 -13.41 -0.35 -16.31
CA GLY A 81 -12.06 -0.45 -15.74
C GLY A 81 -11.69 0.82 -14.98
N ASN A 82 -12.67 1.42 -14.29
CA ASN A 82 -12.43 2.65 -13.57
C ASN A 82 -12.99 2.47 -12.16
N ALA A 83 -12.05 2.49 -11.21
CA ALA A 83 -12.32 2.51 -9.78
C ALA A 83 -12.23 3.98 -9.40
N ALA A 84 -13.38 4.64 -9.32
CA ALA A 84 -13.38 6.07 -9.06
C ALA A 84 -13.91 6.32 -7.66
N LEU A 85 -13.18 7.09 -6.87
CA LEU A 85 -13.60 7.37 -5.52
C LEU A 85 -14.24 8.75 -5.42
N GLN A 86 -15.45 8.81 -4.87
CA GLN A 86 -16.08 10.10 -4.71
C GLN A 86 -16.20 10.44 -3.25
N ILE A 87 -15.73 11.65 -2.92
CA ILE A 87 -15.78 12.15 -1.56
C ILE A 87 -16.53 13.48 -1.63
N THR A 88 -17.60 13.59 -0.85
CA THR A 88 -18.34 14.83 -0.76
C THR A 88 -17.97 15.66 0.47
N ASP A 89 -18.05 17.00 0.34
CA ASP A 89 -17.78 17.96 1.40
C ASP A 89 -16.36 17.83 1.95
N VAL A 90 -15.42 18.11 1.04
CA VAL A 90 -13.99 18.06 1.29
C VAL A 90 -13.63 18.91 2.50
N LYS A 91 -12.77 18.36 3.37
CA LYS A 91 -12.26 19.07 4.53
C LYS A 91 -10.75 19.24 4.37
N LEU A 92 -10.15 20.14 5.18
CA LEU A 92 -8.72 20.36 5.14
C LEU A 92 -7.99 19.03 5.43
N GLN A 93 -8.53 18.25 6.37
CA GLN A 93 -7.92 16.97 6.70
C GLN A 93 -8.10 15.91 5.62
N ASP A 94 -8.85 16.14 4.53
CA ASP A 94 -8.80 15.24 3.38
C ASP A 94 -7.60 15.38 2.44
N ALA A 95 -6.73 16.32 2.73
CA ALA A 95 -5.53 16.55 1.94
C ALA A 95 -4.43 15.59 2.37
N GLY A 96 -3.62 15.17 1.43
CA GLY A 96 -2.75 14.04 1.67
C GLY A 96 -2.62 13.10 0.49
N VAL A 97 -1.86 12.02 0.72
CA VAL A 97 -1.60 11.05 -0.32
C VAL A 97 -2.54 9.85 -0.18
N TYR A 98 -3.32 9.65 -1.26
CA TYR A 98 -4.23 8.53 -1.40
C TYR A 98 -3.55 7.43 -2.21
N ARG A 99 -3.91 6.18 -1.89
CA ARG A 99 -3.47 5.02 -2.65
C ARG A 99 -4.70 4.22 -3.02
N CYS A 100 -4.76 3.80 -4.28
CA CYS A 100 -5.76 2.83 -4.69
C CYS A 100 -5.07 1.51 -4.95
N MET A 101 -5.59 0.44 -4.31
CA MET A 101 -4.99 -0.88 -4.39
C MET A 101 -5.99 -1.79 -5.07
N ILE A 102 -5.57 -2.40 -6.19
CA ILE A 102 -6.45 -3.19 -7.02
C ILE A 102 -5.92 -4.60 -7.20
N SER A 103 -6.75 -5.59 -6.85
CA SER A 103 -6.49 -6.98 -7.21
C SER A 103 -7.47 -7.47 -8.26
N TYR A 104 -6.94 -7.82 -9.45
CA TYR A 104 -7.73 -8.36 -10.55
C TYR A 104 -6.87 -9.30 -11.40
N GLY A 105 -6.79 -10.56 -10.97
CA GLY A 105 -5.75 -11.48 -11.43
C GLY A 105 -4.48 -11.05 -10.70
N GLY A 106 -3.59 -10.36 -11.42
CA GLY A 106 -2.56 -9.52 -10.83
C GLY A 106 -3.02 -8.54 -9.74
N ALA A 107 -2.04 -7.79 -9.22
CA ALA A 107 -2.24 -6.74 -8.25
C ALA A 107 -1.29 -5.60 -8.52
N ASP A 108 -1.74 -4.37 -8.27
CA ASP A 108 -0.89 -3.19 -8.36
C ASP A 108 -1.58 -2.11 -7.54
N TYR A 109 -0.83 -1.05 -7.27
CA TYR A 109 -1.41 0.09 -6.61
C TYR A 109 -0.85 1.34 -7.26
N LYS A 110 -1.52 2.49 -7.00
CA LYS A 110 -0.99 3.80 -7.32
C LYS A 110 -1.29 4.81 -6.22
N ARG A 111 -0.57 5.92 -6.28
CA ARG A 111 -0.64 7.03 -5.34
C ARG A 111 -1.20 8.31 -5.97
N ILE A 112 -2.00 9.09 -5.23
CA ILE A 112 -2.55 10.37 -5.70
C ILE A 112 -2.41 11.40 -4.59
N THR A 113 -1.88 12.58 -4.92
CA THR A 113 -1.78 13.68 -3.96
C THR A 113 -3.00 14.59 -4.07
N VAL A 114 -3.64 14.90 -2.94
CA VAL A 114 -4.72 15.88 -2.90
C VAL A 114 -4.30 17.10 -2.10
N LYS A 115 -4.35 18.28 -2.75
CA LYS A 115 -4.25 19.56 -2.06
C LYS A 115 -5.64 20.16 -1.86
N VAL A 116 -5.86 20.83 -0.74
CA VAL A 116 -7.09 21.53 -0.45
C VAL A 116 -6.92 23.02 -0.13
N ASN A 117 -7.44 23.90 -1.01
CA ASN A 117 -7.53 25.32 -0.72
C ASN A 117 -8.69 25.53 0.23
N ALA A 118 -8.47 26.40 1.21
CA ALA A 118 -9.54 26.74 2.13
C ALA A 118 -9.45 28.20 2.51
N PRO A 119 -10.59 28.87 2.81
CA PRO A 119 -10.55 30.25 3.28
C PRO A 119 -10.16 30.32 4.75
N TYR A 120 -9.95 31.55 5.22
CA TYR A 120 -9.30 31.78 6.50
C TYR A 120 -10.08 31.17 7.64
N ALA A 121 -11.41 31.35 7.64
CA ALA A 121 -12.20 30.95 8.80
C ALA A 121 -12.07 29.44 9.00
N ALA A 122 -11.95 28.72 7.88
CA ALA A 122 -11.91 27.27 7.88
C ALA A 122 -10.54 26.81 8.34
N ALA A 123 -9.51 27.44 7.82
CA ALA A 123 -8.13 27.10 8.16
C ALA A 123 -7.84 27.37 9.63
N LEU A 124 -8.49 28.40 10.17
CA LEU A 124 -8.31 28.77 11.56
C LEU A 124 -8.92 27.72 12.49
N GLU A 125 -10.08 27.21 12.09
CA GLU A 125 -10.77 26.21 12.90
C GLU A 125 -9.90 24.95 12.95
N HIS A 126 -9.34 24.59 11.82
CA HIS A 126 -8.42 23.46 11.74
C HIS A 126 -7.09 23.74 12.42
N HIS A 127 -6.77 25.01 12.62
CA HIS A 127 -5.47 25.36 13.16
C HIS A 127 -5.46 24.99 14.63
N HIS A 128 -6.64 25.04 15.28
CA HIS A 128 -6.78 24.58 16.66
C HIS A 128 -7.42 23.19 16.76
N HIS A 129 -6.73 22.19 16.18
CA HIS A 129 -7.22 20.82 16.10
C HIS A 129 -6.41 19.82 16.99
N ALA B 4 -12.14 -14.89 6.36
CA ALA B 4 -11.64 -13.76 5.61
C ALA B 4 -10.11 -13.76 5.60
N PHE B 5 -9.49 -13.41 4.46
CA PHE B 5 -8.04 -13.45 4.34
C PHE B 5 -7.37 -12.34 5.14
N THR B 6 -6.28 -12.68 5.87
CA THR B 6 -5.57 -11.72 6.70
C THR B 6 -4.07 -11.98 6.79
N VAL B 7 -3.30 -10.91 6.59
CA VAL B 7 -1.88 -10.85 6.84
C VAL B 7 -1.73 -10.35 8.28
N THR B 8 -0.78 -10.94 9.02
CA THR B 8 -0.51 -10.52 10.38
C THR B 8 0.99 -10.36 10.50
N VAL B 9 1.39 -9.62 11.54
CA VAL B 9 2.79 -9.41 11.80
C VAL B 9 3.05 -9.92 13.21
N PRO B 10 4.06 -10.78 13.41
CA PRO B 10 4.41 -11.18 14.77
C PRO B 10 4.91 -9.99 15.57
N LYS B 11 5.69 -9.14 14.93
CA LYS B 11 6.12 -7.88 15.53
C LYS B 11 5.91 -6.76 14.53
N ASP B 12 5.49 -5.60 15.05
CA ASP B 12 5.26 -4.40 14.27
C ASP B 12 6.35 -3.34 14.47
N LEU B 13 7.33 -3.65 15.33
CA LEU B 13 8.50 -2.80 15.55
C LEU B 13 9.80 -3.60 15.67
N TYR B 14 10.82 -3.20 14.90
CA TYR B 14 12.16 -3.75 14.98
C TYR B 14 13.13 -2.61 15.27
N VAL B 15 14.02 -2.83 16.27
CA VAL B 15 15.16 -1.97 16.55
C VAL B 15 16.46 -2.68 16.21
N VAL B 16 17.21 -2.18 15.22
CA VAL B 16 18.38 -2.85 14.68
C VAL B 16 19.63 -1.96 14.65
N GLU B 17 20.80 -2.60 14.55
CA GLU B 17 22.07 -1.91 14.57
C GLU B 17 22.59 -1.74 13.14
N TYR B 18 22.98 -0.50 12.85
CA TYR B 18 23.77 -0.16 11.68
C TYR B 18 24.82 -1.23 11.48
N GLY B 19 24.84 -1.78 10.27
CA GLY B 19 25.88 -2.72 9.90
C GLY B 19 25.46 -4.18 9.98
N SER B 20 24.33 -4.45 10.62
CA SER B 20 23.92 -5.84 10.81
C SER B 20 22.91 -6.26 9.75
N ASN B 21 22.26 -7.39 10.01
CA ASN B 21 21.37 -7.99 9.04
C ASN B 21 20.00 -8.05 9.70
N MET B 22 18.96 -7.85 8.89
CA MET B 22 17.62 -7.85 9.45
C MET B 22 16.68 -8.72 8.63
N THR B 23 15.81 -9.47 9.36
CA THR B 23 14.73 -10.24 8.78
C THR B 23 13.42 -9.80 9.45
N ILE B 24 12.50 -9.25 8.65
CA ILE B 24 11.19 -8.90 9.18
C ILE B 24 10.16 -9.79 8.51
N GLU B 25 9.07 -10.03 9.24
CA GLU B 25 8.13 -11.08 8.90
C GLU B 25 6.64 -10.68 8.85
N CYS B 26 5.93 -11.39 7.97
CA CYS B 26 4.53 -11.24 7.63
C CYS B 26 4.02 -12.66 7.44
N LYS B 27 2.94 -12.97 8.13
CA LYS B 27 2.35 -14.28 8.04
C LYS B 27 1.10 -14.14 7.21
N PHE B 28 0.73 -15.24 6.57
CA PHE B 28 -0.48 -15.26 5.82
C PHE B 28 -0.87 -16.72 5.81
N PRO B 29 -2.17 -17.03 5.70
CA PRO B 29 -2.65 -18.41 5.76
C PRO B 29 -2.43 -19.22 4.48
N VAL B 30 -1.97 -20.45 4.69
CA VAL B 30 -1.79 -21.45 3.65
C VAL B 30 -2.52 -22.72 4.06
N GLU B 31 -3.52 -23.15 3.29
CA GLU B 31 -4.12 -24.45 3.57
C GLU B 31 -3.39 -25.46 2.73
N LYS B 32 -3.37 -26.72 3.20
CA LYS B 32 -2.91 -27.83 2.40
C LYS B 32 -1.56 -27.42 1.81
N GLN B 33 -1.40 -27.59 0.48
CA GLN B 33 -0.16 -27.24 -0.19
C GLN B 33 -0.26 -25.78 -0.61
N LEU B 34 0.91 -25.15 -0.76
CA LEU B 34 1.02 -23.79 -1.26
C LEU B 34 0.83 -23.83 -2.76
N ASP B 35 -0.04 -22.95 -3.28
CA ASP B 35 -0.20 -22.76 -4.71
C ASP B 35 0.59 -21.56 -5.23
N LEU B 36 1.79 -21.87 -5.71
CA LEU B 36 2.78 -20.87 -6.05
C LEU B 36 2.35 -19.94 -7.20
N ALA B 37 1.54 -20.48 -8.11
CA ALA B 37 1.13 -19.77 -9.31
C ALA B 37 0.27 -18.57 -8.97
N ALA B 38 -0.55 -18.74 -7.94
CA ALA B 38 -1.45 -17.72 -7.44
C ALA B 38 -0.86 -16.68 -6.48
N LEU B 39 0.37 -16.90 -6.00
CA LEU B 39 0.92 -16.07 -4.94
C LEU B 39 1.60 -14.79 -5.44
N ILE B 40 1.30 -13.66 -4.79
CA ILE B 40 2.11 -12.45 -4.97
C ILE B 40 2.51 -11.86 -3.62
N VAL B 41 3.81 -11.59 -3.50
CA VAL B 41 4.35 -10.97 -2.31
C VAL B 41 5.06 -9.71 -2.80
N TYR B 42 4.76 -8.56 -2.16
CA TYR B 42 5.42 -7.29 -2.49
C TYR B 42 5.82 -6.59 -1.21
N TRP B 43 7.07 -6.09 -1.15
CA TRP B 43 7.51 -5.26 -0.04
C TRP B 43 8.04 -3.91 -0.53
N GLU B 44 7.67 -2.87 0.21
CA GLU B 44 8.18 -1.52 -0.01
C GLU B 44 8.38 -0.73 1.27
N MET B 45 9.13 0.37 1.12
CA MET B 45 9.41 1.28 2.20
C MET B 45 9.38 2.64 1.51
N GLU B 46 8.54 3.56 1.99
CA GLU B 46 8.49 4.94 1.48
C GLU B 46 8.45 4.97 -0.04
N ASP B 47 7.60 4.09 -0.59
CA ASP B 47 7.34 4.05 -2.02
C ASP B 47 8.48 3.51 -2.85
N LYS B 48 9.50 2.93 -2.23
CA LYS B 48 10.55 2.27 -2.98
C LYS B 48 10.25 0.78 -3.04
N ASN B 49 10.32 0.15 -4.22
CA ASN B 49 10.16 -1.31 -4.30
C ASN B 49 11.40 -2.02 -3.78
N ILE B 50 11.18 -3.02 -2.91
CA ILE B 50 12.27 -3.79 -2.35
C ILE B 50 12.30 -5.19 -2.97
N ILE B 51 11.14 -5.85 -3.03
CA ILE B 51 11.06 -7.06 -3.82
C ILE B 51 9.60 -7.27 -4.16
N GLN B 52 9.44 -7.99 -5.28
CA GLN B 52 8.18 -8.36 -5.89
C GLN B 52 8.34 -9.81 -6.33
N PHE B 53 7.61 -10.70 -5.69
CA PHE B 53 7.71 -12.10 -6.01
C PHE B 53 6.36 -12.53 -6.57
N VAL B 54 6.38 -12.83 -7.87
CA VAL B 54 5.19 -13.15 -8.63
C VAL B 54 5.45 -14.34 -9.57
N HIS B 55 4.41 -15.15 -9.81
CA HIS B 55 4.55 -16.39 -10.54
C HIS B 55 5.78 -17.13 -10.04
N GLY B 56 5.92 -17.21 -8.72
CA GLY B 56 7.09 -17.87 -8.14
C GLY B 56 8.51 -17.44 -8.54
N GLU B 57 8.71 -16.15 -8.85
CA GLU B 57 10.05 -15.63 -9.11
C GLU B 57 10.21 -14.13 -8.83
N GLU B 58 11.35 -13.78 -8.22
CA GLU B 58 11.71 -12.40 -7.98
C GLU B 58 11.92 -11.63 -9.29
N ASP B 59 11.33 -10.44 -9.43
CA ASP B 59 11.59 -9.57 -10.57
C ASP B 59 12.38 -8.34 -10.11
N LEU B 60 13.68 -8.33 -10.41
CA LEU B 60 14.58 -7.27 -10.00
C LEU B 60 14.62 -6.04 -10.93
N LYS B 61 13.89 -6.08 -12.05
CA LYS B 61 13.97 -4.99 -13.02
C LYS B 61 13.48 -3.71 -12.37
N VAL B 62 12.52 -3.87 -11.47
CA VAL B 62 11.76 -2.75 -10.95
C VAL B 62 12.24 -2.33 -9.56
N GLN B 63 13.30 -2.98 -9.07
CA GLN B 63 13.80 -2.79 -7.71
C GLN B 63 14.47 -1.44 -7.51
N HIS B 64 14.25 -0.83 -6.35
CA HIS B 64 14.96 0.40 -6.03
C HIS B 64 16.46 0.15 -5.80
N SER B 65 17.28 1.14 -6.18
CA SER B 65 18.70 0.86 -6.37
C SER B 65 19.35 0.82 -4.99
N SER B 66 18.81 1.53 -4.01
CA SER B 66 19.12 1.30 -2.60
C SER B 66 19.28 -0.17 -2.23
N TYR B 67 18.41 -1.03 -2.76
CA TYR B 67 18.26 -2.39 -2.23
C TYR B 67 18.97 -3.43 -3.09
N ARG B 68 19.56 -2.97 -4.19
CA ARG B 68 20.23 -3.82 -5.13
C ARG B 68 21.24 -4.77 -4.47
N GLN B 69 21.00 -6.06 -4.65
CA GLN B 69 21.82 -7.10 -4.07
C GLN B 69 22.04 -7.00 -2.55
N ARG B 70 21.11 -6.37 -1.80
CA ARG B 70 21.13 -6.40 -0.34
C ARG B 70 19.92 -7.07 0.28
N ALA B 71 18.95 -7.39 -0.57
CA ALA B 71 17.58 -7.65 -0.13
C ALA B 71 17.12 -8.94 -0.76
N ARG B 72 16.60 -9.88 0.02
CA ARG B 72 16.06 -11.09 -0.55
C ARG B 72 14.88 -11.59 0.26
N LEU B 73 14.00 -12.35 -0.42
CA LEU B 73 12.80 -12.87 0.21
C LEU B 73 13.14 -14.32 0.48
N LEU B 74 12.83 -14.78 1.71
CA LEU B 74 13.18 -16.14 2.12
C LEU B 74 12.14 -17.12 1.59
N LYS B 75 12.52 -17.83 0.51
CA LYS B 75 11.61 -18.58 -0.34
C LYS B 75 11.20 -19.90 0.32
N ASP B 76 12.16 -20.43 1.06
CA ASP B 76 11.98 -21.49 2.03
C ASP B 76 10.78 -21.35 2.97
N GLN B 77 10.52 -20.12 3.44
CA GLN B 77 9.49 -19.88 4.43
C GLN B 77 8.09 -19.85 3.82
N LEU B 78 7.99 -19.56 2.51
CA LEU B 78 6.70 -19.26 1.92
C LEU B 78 5.64 -20.35 2.18
N SER B 79 6.04 -21.63 2.12
CA SER B 79 5.02 -22.65 2.18
C SER B 79 4.51 -22.78 3.61
N LEU B 80 5.29 -22.21 4.56
CA LEU B 80 4.85 -22.12 5.94
C LEU B 80 3.87 -20.96 6.16
N GLY B 81 3.57 -20.20 5.09
CA GLY B 81 2.82 -18.97 5.23
C GLY B 81 3.64 -17.83 5.81
N ASN B 82 4.93 -17.77 5.45
CA ASN B 82 5.78 -16.71 5.98
C ASN B 82 6.52 -16.07 4.82
N ALA B 83 6.21 -14.79 4.64
CA ALA B 83 6.90 -13.88 3.74
C ALA B 83 7.89 -13.13 4.62
N ALA B 84 9.14 -13.57 4.60
CA ALA B 84 10.14 -12.98 5.45
C ALA B 84 11.13 -12.23 4.57
N LEU B 85 11.37 -10.96 4.88
CA LEU B 85 12.29 -10.16 4.09
C LEU B 85 13.64 -10.05 4.80
N GLN B 86 14.72 -10.35 4.09
CA GLN B 86 16.03 -10.16 4.69
C GLN B 86 16.77 -9.04 3.99
N ILE B 87 17.29 -8.10 4.80
CA ILE B 87 18.20 -7.08 4.31
C ILE B 87 19.54 -7.23 5.01
N THR B 88 20.61 -7.28 4.22
CA THR B 88 21.95 -7.32 4.80
C THR B 88 22.59 -5.93 4.82
N ASP B 89 23.39 -5.67 5.87
CA ASP B 89 24.22 -4.47 5.98
C ASP B 89 23.33 -3.20 6.02
N VAL B 90 22.49 -3.20 7.05
CA VAL B 90 21.51 -2.17 7.30
C VAL B 90 22.19 -0.81 7.40
N LYS B 91 21.53 0.18 6.81
CA LYS B 91 21.99 1.56 6.75
C LYS B 91 20.98 2.45 7.45
N LEU B 92 21.39 3.69 7.74
CA LEU B 92 20.52 4.64 8.42
C LEU B 92 19.28 4.88 7.57
N GLN B 93 19.47 4.91 6.26
CA GLN B 93 18.36 5.14 5.35
C GLN B 93 17.39 3.96 5.29
N ASP B 94 17.69 2.80 5.88
CA ASP B 94 16.68 1.75 5.89
C ASP B 94 15.66 1.85 7.03
N ALA B 95 15.77 2.91 7.86
CA ALA B 95 14.79 3.13 8.91
C ALA B 95 13.53 3.79 8.34
N GLY B 96 12.39 3.49 8.95
CA GLY B 96 11.12 3.81 8.33
C GLY B 96 10.06 2.72 8.43
N VAL B 97 8.94 2.98 7.73
CA VAL B 97 7.78 2.12 7.74
C VAL B 97 7.80 1.27 6.47
N TYR B 98 7.75 -0.03 6.71
CA TYR B 98 7.73 -1.03 5.66
C TYR B 98 6.30 -1.52 5.61
N ARG B 99 5.87 -1.90 4.41
CA ARG B 99 4.60 -2.57 4.17
C ARG B 99 4.85 -3.87 3.43
N CYS B 100 4.22 -4.95 3.90
CA CYS B 100 4.22 -6.18 3.11
C CYS B 100 2.81 -6.37 2.55
N MET B 101 2.72 -6.59 1.24
CA MET B 101 1.46 -6.70 0.52
C MET B 101 1.38 -8.10 -0.11
N ILE B 102 0.31 -8.84 0.19
CA ILE B 102 0.19 -10.22 -0.25
C ILE B 102 -1.14 -10.46 -0.96
N SER B 103 -1.07 -11.01 -2.18
CA SER B 103 -2.23 -11.58 -2.84
C SER B 103 -2.18 -13.11 -2.91
N TYR B 104 -3.16 -13.75 -2.28
CA TYR B 104 -3.31 -15.20 -2.30
C TYR B 104 -4.78 -15.59 -2.11
N GLY B 105 -5.53 -15.60 -3.21
CA GLY B 105 -6.98 -15.62 -3.12
C GLY B 105 -7.39 -14.20 -2.77
N GLY B 106 -7.73 -13.96 -1.51
CA GLY B 106 -7.82 -12.61 -1.00
C GLY B 106 -6.55 -11.76 -1.13
N ALA B 107 -6.63 -10.52 -0.63
CA ALA B 107 -5.48 -9.63 -0.55
C ALA B 107 -5.48 -8.84 0.76
N ASP B 108 -4.31 -8.55 1.30
CA ASP B 108 -4.18 -7.73 2.49
C ASP B 108 -2.74 -7.22 2.58
N TYR B 109 -2.53 -6.25 3.48
CA TYR B 109 -1.20 -5.77 3.78
C TYR B 109 -1.03 -5.54 5.28
N LYS B 110 0.23 -5.40 5.71
CA LYS B 110 0.55 -4.86 7.04
C LYS B 110 1.78 -3.95 7.01
N ARG B 111 1.92 -3.23 8.13
CA ARG B 111 2.92 -2.21 8.34
C ARG B 111 3.88 -2.61 9.45
N ILE B 112 5.16 -2.33 9.24
CA ILE B 112 6.20 -2.59 10.22
C ILE B 112 7.14 -1.40 10.30
N THR B 113 7.43 -0.96 11.53
CA THR B 113 8.32 0.17 11.74
C THR B 113 9.70 -0.36 12.11
N VAL B 114 10.74 0.09 11.41
CA VAL B 114 12.12 -0.19 11.75
C VAL B 114 12.84 1.08 12.19
N LYS B 115 13.41 1.05 13.40
CA LYS B 115 14.38 2.01 13.88
C LYS B 115 15.82 1.50 13.72
N VAL B 116 16.77 2.40 13.45
CA VAL B 116 18.18 2.03 13.29
C VAL B 116 19.16 2.82 14.17
N ASN B 117 19.78 2.14 15.13
CA ASN B 117 20.81 2.72 15.98
C ASN B 117 22.09 2.71 15.18
N ALA B 118 22.82 3.83 15.31
CA ALA B 118 24.10 3.97 14.63
C ALA B 118 25.04 4.79 15.48
N PRO B 119 26.36 4.48 15.45
CA PRO B 119 27.33 5.30 16.16
C PRO B 119 27.58 6.61 15.42
N TYR B 120 28.26 7.53 16.12
CA TYR B 120 28.52 8.88 15.65
C TYR B 120 29.09 8.96 14.24
N ALA B 121 30.13 8.17 13.94
CA ALA B 121 30.82 8.34 12.67
C ALA B 121 29.84 8.10 11.51
N ALA B 122 28.91 7.14 11.75
CA ALA B 122 27.97 6.73 10.72
C ALA B 122 26.90 7.79 10.54
N ALA B 123 26.36 8.26 11.66
CA ALA B 123 25.34 9.29 11.65
C ALA B 123 25.85 10.58 11.02
N LEU B 124 27.12 10.87 11.22
CA LEU B 124 27.68 12.11 10.74
C LEU B 124 27.83 12.07 9.23
N GLU B 125 28.22 10.92 8.69
CA GLU B 125 28.38 10.80 7.26
C GLU B 125 27.03 10.98 6.56
N HIS B 126 26.01 10.36 7.17
CA HIS B 126 24.62 10.53 6.77
C HIS B 126 24.08 11.94 7.00
N HIS B 127 24.71 12.70 7.89
CA HIS B 127 24.18 13.99 8.28
C HIS B 127 24.48 14.95 7.13
N HIS B 128 25.60 14.72 6.41
CA HIS B 128 25.90 15.54 5.25
C HIS B 128 25.36 15.08 3.89
N HIS B 129 24.95 13.80 3.70
CA HIS B 129 24.64 13.28 2.36
C HIS B 129 23.21 12.79 2.20
C15 A1IXH C . 4.33 -0.66 -7.30
C16 A1IXH C . 4.05 1.36 -8.63
C17 A1IXH C . 3.41 1.65 -9.99
C18 A1IXH C . 3.76 2.51 -7.67
C19 A1IXH C . 5.56 1.22 -8.85
C20 A1IXH C . 3.22 -2.73 -6.44
C21 A1IXH C . 3.38 -6.43 -7.25
C22 A1IXH C . -3.25 -5.51 -2.71
C23 A1IXH C . -4.33 -5.17 -3.54
C24 A1IXH C . -5.59 -4.95 -3.00
C25 A1IXH C . -5.77 -5.00 -1.63
C26 A1IXH C . -7.20 -5.10 0.30
C27 A1IXH C . -6.02 -4.71 1.08
C28 A1IXH C . -4.73 -5.36 -0.80
C1 A1IXH C . -1.68 -3.88 -4.74
C2 A1IXH C . -1.20 -5.19 -4.21
C3 A1IXH C . -1.90 -5.87 -3.24
C4 A1IXH C . -1.41 -7.07 -2.73
C5 A1IXH C . -0.20 -7.58 -3.16
C6 A1IXH C . 0.56 -6.85 -4.03
C7 A1IXH C . 0.06 -5.67 -4.57
C8 A1IXH C . 0.83 -4.98 -5.56
C9 A1IXH C . 1.97 -4.51 -5.42
C10 A1IXH C . 2.94 -4.09 -6.43
C11 A1IXH C . 3.55 -4.93 -7.37
C12 A1IXH C . 4.51 -4.38 -8.22
C13 A1IXH C . 4.75 -3.01 -8.23
C14 A1IXH C . 4.09 -2.16 -7.36
N1 A1IXH C . 3.42 0.14 -8.11
O1 A1IXH C . 3.04 0.42 -10.60
O2 A1IXH C . 6.03 0.28 -9.54
O3 A1IXH C . 6.25 2.09 -8.25
F1 A1IXH C . 3.65 -7.17 -8.34
F2 A1IXH C . 4.27 -6.98 -6.43
F3 A1IXH C . 2.23 -6.78 -6.68
O4 A1IXH C . -7.04 -4.80 -1.10
O5 A1IXH C . -4.86 -5.40 0.56
C29 A1IXH C . -3.49 -5.64 -1.35
#